data_1OE5
#
_entry.id   1OE5
#
_cell.length_a   120.596
_cell.length_b   85.653
_cell.length_c   78.467
_cell.angle_alpha   90.00
_cell.angle_beta   118.56
_cell.angle_gamma   90.00
#
_symmetry.space_group_name_H-M   'C 1 2 1'
#
loop_
_entity.id
_entity.type
_entity.pdbx_description
1 polymer 'SINGLE-STRAND SELECTIVE MONOFUNCTIONAL URACIL DNA GLYCOSYLASE'
2 polymer "5'-D(*CP*CP*CP*GP*TP*GP*AP*GP*TP*CP*CP*G)-3'"
3 polymer "5'-D(*CP*3DRP*GP*GP*AP*CP*TP*3DRP*AP*CP*GP*GP*GP)-3'"
4 non-polymer URACIL
5 non-polymer GLYCEROL
6 non-polymer 'ISOPROPYL ALCOHOL'
7 non-polymer '4-(2-HYDROXYETHYL)-1-PIPERAZINE ETHANESULFONIC ACID'
8 non-polymer "2'-DEOXYURIDINE"
9 water water
#
loop_
_entity_poly.entity_id
_entity_poly.type
_entity_poly.pdbx_seq_one_letter_code
_entity_poly.pdbx_strand_id
1 'polypeptide(L)'
;TESPADSFLKVELELNLKLSNLVFQDPVQYVYNPLVYAWAPHENYVQTYCKSKKEVLFLGMNPGPFGMAQTGVPFGEVNH
VRDWLQIEGPVSKPEVEHPKRRIRGFECPQSEVSGARFWSLFKSLCGQPETFFKHCFVHNHCPLIFMNHSGKNLTPTDLP
KAQRDTLLEICDEALCQAVRVLGVKLVIGVGRFSEQRARKALMAEGIDVTVKGIMHPSPRNPQANKGWEGIVRGQLLELG
VLSLLTG
;
A,B
2 'polydeoxyribonucleotide' (DC)(DC)(DC)(DG)(DT)(DG)(DA)(DG)(DT)(DC)(DC)(DG) E
3 'polydeoxyribonucleotide' (DC)(3DR)(DG)(DG)(DA)(DC)(DT)(3DR)(DA)(DC)(DG)(DG)(DG) F
#
# COMPACT_ATOMS: atom_id res chain seq x y z
C SER A 3 31.49 -5.83 3.31
N PRO A 4 31.21 -4.54 3.41
CA PRO A 4 29.89 -4.01 3.14
C PRO A 4 29.49 -4.33 1.70
N ALA A 5 30.41 -4.64 0.75
CA ALA A 5 29.95 -4.94 -0.65
C ALA A 5 28.90 -6.00 -0.71
N ASP A 6 29.18 -7.17 -0.21
CA ASP A 6 28.12 -8.20 -0.11
C ASP A 6 26.87 -7.83 0.62
N SER A 7 27.00 -7.09 1.71
CA SER A 7 25.82 -6.75 2.49
C SER A 7 24.99 -5.69 1.73
N PHE A 8 25.70 -4.73 1.17
CA PHE A 8 25.08 -3.72 0.35
C PHE A 8 24.32 -4.33 -0.87
N LEU A 9 24.93 -5.24 -1.58
CA LEU A 9 24.20 -5.91 -2.68
C LEU A 9 22.98 -6.73 -2.20
N LYS A 10 23.10 -7.40 -1.01
CA LYS A 10 21.90 -8.05 -0.43
C LYS A 10 20.78 -7.09 -0.17
N VAL A 11 21.06 -5.94 0.42
CA VAL A 11 19.97 -4.96 0.54
C VAL A 11 19.36 -4.67 -0.86
N GLU A 12 20.19 -4.53 -1.93
CA GLU A 12 19.58 -4.15 -3.22
C GLU A 12 18.74 -5.28 -3.76
N LEU A 13 19.24 -6.50 -3.63
CA LEU A 13 18.45 -7.67 -4.05
C LEU A 13 17.14 -7.80 -3.22
N GLU A 14 17.21 -7.54 -1.95
CA GLU A 14 15.96 -7.64 -1.19
C GLU A 14 15.04 -6.50 -1.66
N LEU A 15 15.54 -5.28 -1.78
CA LEU A 15 14.68 -4.20 -2.40
C LEU A 15 14.13 -4.58 -3.82
N ASN A 16 14.94 -5.18 -4.70
CA ASN A 16 14.39 -5.61 -6.02
C ASN A 16 13.17 -6.55 -5.79
N LEU A 17 13.32 -7.48 -4.85
CA LEU A 17 12.24 -8.42 -4.58
C LEU A 17 10.99 -7.69 -4.13
N LYS A 18 11.06 -6.83 -3.15
CA LYS A 18 9.84 -6.08 -2.83
C LYS A 18 9.31 -5.20 -3.97
N LEU A 19 10.16 -4.53 -4.74
CA LEU A 19 9.62 -3.75 -5.82
C LEU A 19 8.98 -4.62 -6.99
N SER A 20 9.47 -5.85 -7.20
CA SER A 20 9.00 -6.63 -8.35
C SER A 20 7.50 -7.04 -8.16
N ASN A 21 6.97 -6.88 -6.95
CA ASN A 21 5.59 -7.10 -6.66
C ASN A 21 4.67 -5.89 -6.84
N LEU A 22 5.21 -4.68 -7.06
CA LEU A 22 4.35 -3.50 -7.10
C LEU A 22 3.65 -3.49 -8.46
N VAL A 23 2.55 -2.76 -8.60
CA VAL A 23 2.02 -2.64 -9.94
C VAL A 23 1.79 -1.20 -10.21
N PHE A 24 2.27 -0.75 -11.35
CA PHE A 24 2.10 0.64 -11.70
C PHE A 24 1.06 0.73 -12.75
N GLN A 25 0.42 1.88 -12.92
CA GLN A 25 -0.45 2.07 -14.10
C GLN A 25 -0.57 3.52 -14.42
N ASP A 26 -1.53 3.90 -15.29
CA ASP A 26 -2.21 5.22 -15.24
C ASP A 26 -1.69 6.04 -16.38
N PRO A 27 -0.75 6.94 -15.97
CA PRO A 27 0.26 7.45 -16.88
C PRO A 27 1.51 6.58 -16.82
N VAL A 28 1.71 5.64 -15.88
CA VAL A 28 2.91 4.85 -16.02
C VAL A 28 2.65 3.74 -16.97
N GLN A 29 3.45 3.69 -18.03
CA GLN A 29 3.35 2.54 -18.97
C GLN A 29 4.53 1.59 -19.01
N TYR A 30 5.76 2.08 -18.75
CA TYR A 30 6.96 1.26 -18.67
C TYR A 30 7.71 1.55 -17.39
N VAL A 31 8.31 0.48 -16.90
CA VAL A 31 9.02 0.47 -15.69
C VAL A 31 10.27 -0.33 -15.97
N TYR A 32 11.48 0.25 -15.90
CA TYR A 32 12.68 -0.52 -16.09
C TYR A 32 13.39 -0.58 -14.70
N ASN A 33 13.97 -1.76 -14.37
CA ASN A 33 14.86 -1.93 -13.28
C ASN A 33 16.27 -2.36 -13.72
N PRO A 34 17.22 -1.42 -13.87
CA PRO A 34 18.58 -1.76 -14.39
C PRO A 34 19.28 -2.58 -13.37
N LEU A 35 18.77 -2.60 -12.15
CA LEU A 35 19.40 -3.57 -11.21
C LEU A 35 19.03 -5.01 -11.51
N VAL A 36 18.14 -5.25 -12.49
CA VAL A 36 17.92 -6.55 -13.09
C VAL A 36 18.71 -6.78 -14.39
N TYR A 37 18.40 -5.99 -15.43
CA TYR A 37 19.05 -6.26 -16.71
C TYR A 37 20.44 -5.67 -16.85
N ALA A 38 20.85 -4.80 -15.90
CA ALA A 38 22.27 -4.31 -15.90
C ALA A 38 22.91 -4.65 -14.52
N TRP A 39 22.51 -5.80 -13.96
CA TRP A 39 23.09 -6.31 -12.69
C TRP A 39 24.57 -6.44 -12.73
N ALA A 40 25.08 -6.96 -13.84
CA ALA A 40 26.57 -7.24 -13.87
C ALA A 40 27.49 -6.01 -13.72
N PRO A 41 27.35 -4.95 -14.54
CA PRO A 41 28.23 -3.78 -14.31
C PRO A 41 27.80 -3.12 -13.00
N HIS A 42 26.53 -3.24 -12.55
CA HIS A 42 26.20 -2.72 -11.24
C HIS A 42 27.06 -3.38 -10.15
N GLU A 43 27.15 -4.70 -10.27
CA GLU A 43 27.75 -5.48 -9.19
C GLU A 43 29.25 -5.31 -9.27
N ASN A 44 29.77 -5.12 -10.49
CA ASN A 44 31.20 -4.76 -10.68
C ASN A 44 31.53 -3.39 -10.01
C ASN A 44 31.54 -3.39 -10.02
N TYR A 45 30.64 -2.40 -10.17
CA TYR A 45 30.83 -1.10 -9.54
C TYR A 45 30.88 -1.27 -8.01
N VAL A 46 29.93 -2.01 -7.46
CA VAL A 46 29.86 -2.11 -6.00
C VAL A 46 31.10 -2.89 -5.49
N GLN A 47 31.43 -4.04 -6.12
CA GLN A 47 32.64 -4.79 -5.67
C GLN A 47 33.90 -4.02 -5.81
N THR A 48 34.01 -3.19 -6.85
CA THR A 48 35.27 -2.47 -7.03
C THR A 48 35.31 -1.30 -6.08
N TYR A 49 34.15 -0.66 -5.83
CA TYR A 49 34.28 0.66 -5.18
C TYR A 49 33.69 0.73 -3.76
N CYS A 50 33.21 -0.42 -3.32
CA CYS A 50 32.62 -0.48 -1.99
C CYS A 50 33.31 -1.48 -1.06
N LYS A 51 34.61 -1.33 -0.89
CA LYS A 51 35.48 -2.34 -0.28
C LYS A 51 35.61 -2.18 1.24
N SER A 52 35.25 -1.01 1.76
CA SER A 52 35.26 -0.87 3.17
C SER A 52 33.98 -0.02 3.49
N LYS A 53 33.73 0.17 4.77
CA LYS A 53 32.77 1.11 5.29
C LYS A 53 33.10 2.50 4.80
N LYS A 54 32.07 3.32 4.72
CA LYS A 54 32.09 4.71 4.18
C LYS A 54 31.69 5.80 5.17
N GLU A 55 32.25 6.94 4.99
CA GLU A 55 31.92 8.05 5.78
C GLU A 55 30.77 8.82 5.11
N VAL A 56 30.84 8.99 3.76
CA VAL A 56 29.91 9.80 3.02
C VAL A 56 29.11 9.02 1.93
N LEU A 57 27.79 9.21 1.88
CA LEU A 57 26.95 8.60 0.84
C LEU A 57 26.35 9.71 0.06
N PHE A 58 26.68 9.83 -1.21
CA PHE A 58 25.87 10.69 -2.06
C PHE A 58 24.64 9.89 -2.56
N LEU A 59 23.47 10.54 -2.48
CA LEU A 59 22.27 9.82 -2.77
C LEU A 59 21.48 10.53 -3.86
N GLY A 60 21.28 9.89 -5.02
CA GLY A 60 20.48 10.53 -6.05
C GLY A 60 19.01 10.12 -5.89
N MET A 61 18.20 10.51 -6.84
CA MET A 61 16.78 10.18 -6.76
C MET A 61 16.50 8.89 -7.47
N ASN A 62 16.73 8.84 -8.78
CA ASN A 62 16.59 7.60 -9.53
C ASN A 62 17.37 7.69 -10.83
N PRO A 63 17.41 6.54 -11.55
CA PRO A 63 18.06 6.53 -12.87
C PRO A 63 17.53 7.53 -13.90
N GLY A 64 18.44 8.20 -14.61
CA GLY A 64 17.99 8.85 -15.84
C GLY A 64 18.13 7.84 -17.06
N PRO A 65 17.42 8.15 -18.14
CA PRO A 65 17.26 7.21 -19.24
C PRO A 65 18.55 6.85 -19.96
N PHE A 66 19.53 7.77 -19.96
CA PHE A 66 20.77 7.49 -20.64
C PHE A 66 21.98 7.16 -19.76
N GLY A 67 21.81 7.21 -18.42
CA GLY A 67 23.02 6.90 -17.65
C GLY A 67 22.78 5.58 -16.96
N MET A 68 22.37 5.66 -15.71
CA MET A 68 22.13 4.44 -14.94
C MET A 68 21.16 3.45 -15.65
N ALA A 69 20.10 3.92 -16.35
CA ALA A 69 19.21 3.03 -17.08
C ALA A 69 19.98 2.16 -18.11
N GLN A 70 21.14 2.67 -18.59
CA GLN A 70 21.99 1.97 -19.56
C GLN A 70 23.09 1.24 -18.89
N THR A 71 23.74 1.87 -17.92
CA THR A 71 24.95 1.27 -17.37
C THR A 71 24.83 0.54 -15.98
N GLY A 72 23.71 0.67 -15.27
CA GLY A 72 23.63 0.10 -13.91
C GLY A 72 24.47 0.81 -12.84
N VAL A 73 25.03 2.00 -13.13
CA VAL A 73 25.88 2.71 -12.15
C VAL A 73 25.23 4.06 -11.87
N PRO A 74 25.05 4.42 -10.58
CA PRO A 74 24.42 5.68 -10.21
C PRO A 74 25.04 6.84 -11.05
N PHE A 75 24.21 7.75 -11.53
CA PHE A 75 24.68 8.91 -12.32
C PHE A 75 25.56 8.42 -13.51
N GLY A 76 25.26 7.20 -14.03
CA GLY A 76 26.14 6.38 -14.82
C GLY A 76 26.24 6.78 -16.31
N GLU A 77 26.55 8.05 -16.57
CA GLU A 77 26.84 8.50 -17.91
C GLU A 77 27.93 7.63 -18.53
N VAL A 78 27.71 7.18 -19.78
CA VAL A 78 28.48 6.13 -20.38
C VAL A 78 29.98 6.41 -20.51
N ASN A 79 30.37 7.58 -21.03
CA ASN A 79 31.83 7.81 -21.12
C ASN A 79 32.47 7.89 -19.81
N HIS A 80 31.80 8.52 -18.83
CA HIS A 80 32.63 8.59 -17.58
C HIS A 80 32.65 7.22 -16.93
N VAL A 81 31.57 6.48 -17.01
CA VAL A 81 31.60 5.14 -16.40
C VAL A 81 32.73 4.30 -17.13
N ARG A 82 32.70 4.25 -18.46
CA ARG A 82 33.74 3.50 -19.19
C ARG A 82 35.15 3.93 -18.90
N ASP A 83 35.37 5.25 -18.84
CA ASP A 83 36.74 5.75 -18.94
C ASP A 83 37.29 6.16 -17.56
N TRP A 84 36.46 6.61 -16.61
CA TRP A 84 37.14 7.04 -15.39
C TRP A 84 36.90 5.99 -14.30
N LEU A 85 35.64 5.58 -14.11
CA LEU A 85 35.36 4.45 -13.18
C LEU A 85 35.89 3.12 -13.76
N GLN A 86 35.89 2.95 -15.12
CA GLN A 86 36.44 1.67 -15.72
C GLN A 86 35.60 0.41 -15.31
N ILE A 87 34.31 0.64 -15.35
CA ILE A 87 33.32 -0.36 -15.16
C ILE A 87 32.64 -0.66 -16.53
N GLU A 88 32.47 -1.91 -16.85
CA GLU A 88 31.77 -2.33 -18.06
C GLU A 88 31.29 -3.72 -17.68
N GLY A 89 30.43 -4.31 -18.51
CA GLY A 89 29.79 -5.53 -18.10
C GLY A 89 28.67 -5.72 -19.08
N PRO A 90 28.19 -6.95 -19.25
CA PRO A 90 27.05 -7.15 -20.17
C PRO A 90 25.79 -6.57 -19.61
N VAL A 91 25.04 -6.05 -20.56
CA VAL A 91 23.76 -5.51 -20.26
C VAL A 91 22.69 -6.14 -21.11
N SER A 92 21.64 -6.62 -20.47
CA SER A 92 20.56 -7.16 -21.24
C SER A 92 19.42 -6.14 -21.43
N LYS A 93 18.15 -6.54 -21.44
CA LYS A 93 17.09 -5.56 -21.70
C LYS A 93 15.85 -5.75 -20.76
N PRO A 94 15.13 -4.69 -20.45
CA PRO A 94 13.87 -4.82 -19.71
C PRO A 94 12.96 -5.76 -20.51
N GLU A 95 11.98 -6.42 -19.88
CA GLU A 95 11.10 -7.31 -20.66
C GLU A 95 10.20 -6.52 -21.61
N VAL A 96 9.82 -5.27 -21.21
CA VAL A 96 9.03 -4.45 -22.13
C VAL A 96 9.62 -3.06 -22.38
N GLU A 97 10.17 -2.89 -23.59
CA GLU A 97 10.82 -1.61 -23.90
C GLU A 97 9.90 -0.67 -24.64
N HIS A 98 9.84 0.58 -24.20
CA HIS A 98 9.38 1.65 -25.08
C HIS A 98 10.28 1.80 -26.29
N PRO A 99 9.69 1.87 -27.49
CA PRO A 99 10.48 1.97 -28.74
C PRO A 99 11.50 3.10 -28.86
N LYS A 100 11.21 4.21 -28.25
CA LYS A 100 12.05 5.39 -28.27
C LYS A 100 13.03 5.31 -27.05
N ARG A 101 12.89 4.27 -26.19
CA ARG A 101 13.78 4.10 -25.02
C ARG A 101 14.28 2.67 -24.90
N ARG A 102 14.94 2.22 -25.93
CA ARG A 102 15.55 0.89 -25.87
C ARG A 102 16.87 0.98 -25.14
N ILE A 103 17.22 -0.10 -24.50
CA ILE A 103 18.43 -0.27 -23.82
C ILE A 103 19.50 -0.74 -24.66
N ARG A 104 20.49 0.08 -24.78
CA ARG A 104 21.70 -0.29 -25.49
C ARG A 104 22.99 -0.43 -24.62
N GLY A 105 22.90 -0.26 -23.29
CA GLY A 105 24.06 -0.47 -22.40
C GLY A 105 25.19 0.51 -22.73
N PHE A 106 26.41 -0.03 -22.81
CA PHE A 106 27.60 0.74 -23.03
C PHE A 106 27.71 1.23 -24.46
N GLU A 107 26.71 0.91 -25.31
CA GLU A 107 26.56 1.42 -26.71
C GLU A 107 25.51 2.49 -26.78
N CYS A 108 24.89 2.87 -25.66
CA CYS A 108 23.91 3.98 -25.74
C CYS A 108 24.67 5.24 -26.28
N PRO A 109 24.20 5.83 -27.40
CA PRO A 109 24.89 6.98 -28.00
C PRO A 109 24.70 8.31 -27.21
N GLN A 110 23.60 8.44 -26.48
CA GLN A 110 23.34 9.67 -25.72
C GLN A 110 24.19 9.80 -24.46
N SER A 111 24.57 11.06 -24.16
CA SER A 111 25.21 11.39 -22.89
C SER A 111 24.19 11.82 -21.82
N GLU A 112 24.17 11.21 -20.64
CA GLU A 112 23.28 11.71 -19.58
C GLU A 112 23.95 13.02 -19.07
N VAL A 113 23.30 14.20 -19.23
CA VAL A 113 23.96 15.41 -18.73
C VAL A 113 24.22 15.43 -17.23
N SER A 114 23.25 15.00 -16.45
CA SER A 114 23.41 14.90 -14.99
C SER A 114 24.61 14.10 -14.56
N GLY A 115 24.79 12.99 -15.22
CA GLY A 115 25.87 12.06 -14.85
C GLY A 115 27.20 12.48 -15.31
N ALA A 116 27.25 13.13 -16.49
CA ALA A 116 28.52 13.64 -16.98
C ALA A 116 29.03 14.72 -16.00
N ARG A 117 28.13 15.58 -15.64
CA ARG A 117 28.46 16.64 -14.71
C ARG A 117 28.95 16.13 -13.35
N PHE A 118 28.18 15.22 -12.75
CA PHE A 118 28.44 14.66 -11.46
C PHE A 118 29.81 13.95 -11.47
N TRP A 119 30.06 13.02 -12.39
CA TRP A 119 31.38 12.38 -12.38
C TRP A 119 32.50 13.28 -12.85
N SER A 120 32.20 14.26 -13.74
CA SER A 120 33.26 15.19 -14.13
C SER A 120 33.77 16.00 -12.90
N LEU A 121 32.85 16.29 -12.01
CA LEU A 121 33.22 17.10 -10.88
C LEU A 121 34.24 16.28 -10.05
N PHE A 122 33.86 15.02 -9.73
CA PHE A 122 34.68 14.27 -8.80
C PHE A 122 35.95 13.82 -9.50
N LYS A 123 35.87 13.70 -10.83
CA LYS A 123 37.09 13.40 -11.61
C LYS A 123 38.10 14.55 -11.45
N SER A 124 37.64 15.82 -11.63
CA SER A 124 38.56 16.98 -11.47
C SER A 124 39.13 17.11 -10.08
N LEU A 125 38.27 16.94 -9.09
CA LEU A 125 38.59 17.08 -7.72
C LEU A 125 39.49 15.91 -7.23
N CYS A 126 39.29 14.70 -7.69
CA CYS A 126 39.93 13.62 -6.96
C CYS A 126 41.01 12.98 -7.80
N GLY A 127 40.98 13.13 -9.13
CA GLY A 127 42.05 12.53 -9.88
C GLY A 127 41.72 11.15 -10.35
N GLN A 128 41.81 10.17 -9.46
CA GLN A 128 41.55 8.78 -9.70
C GLN A 128 40.31 8.34 -8.85
N PRO A 129 39.55 7.38 -9.37
CA PRO A 129 38.31 6.94 -8.70
C PRO A 129 38.59 6.43 -7.24
N GLU A 130 39.68 5.70 -6.98
CA GLU A 130 40.13 5.26 -5.59
C GLU A 130 40.23 6.36 -4.56
N THR A 131 40.62 7.55 -4.99
CA THR A 131 40.60 8.68 -4.09
C THR A 131 39.18 9.15 -3.77
N PHE A 132 38.26 9.14 -4.72
CA PHE A 132 36.83 9.52 -4.43
C PHE A 132 36.25 8.45 -3.47
N PHE A 133 36.45 7.18 -3.83
CA PHE A 133 35.87 6.09 -3.09
C PHE A 133 36.61 5.64 -1.81
N LYS A 134 37.79 6.20 -1.51
CA LYS A 134 38.38 5.93 -0.18
C LYS A 134 37.32 6.04 0.94
N HIS A 135 36.63 7.18 1.02
CA HIS A 135 35.59 7.32 2.03
C HIS A 135 34.13 7.56 1.55
N CYS A 136 33.91 7.62 0.23
CA CYS A 136 32.61 7.99 -0.31
C CYS A 136 31.96 6.89 -1.15
N PHE A 137 30.66 7.02 -1.36
CA PHE A 137 30.00 6.08 -2.23
C PHE A 137 28.78 6.79 -2.80
N VAL A 138 28.15 6.27 -3.86
CA VAL A 138 27.06 6.98 -4.48
C VAL A 138 25.99 5.96 -4.73
N HIS A 139 24.76 6.37 -4.60
CA HIS A 139 23.66 5.44 -4.59
C HIS A 139 22.42 6.25 -4.93
N ASN A 140 21.40 5.57 -5.41
CA ASN A 140 20.13 6.21 -5.58
C ASN A 140 19.04 5.74 -4.58
N HIS A 141 18.12 6.65 -4.21
CA HIS A 141 16.95 6.31 -3.40
C HIS A 141 16.13 5.17 -4.05
N CYS A 142 15.88 5.29 -5.39
CA CYS A 142 15.01 4.42 -6.12
C CYS A 142 15.71 3.91 -7.36
N PRO A 143 15.76 2.60 -7.51
CA PRO A 143 16.47 2.03 -8.68
C PRO A 143 15.60 1.92 -10.03
N LEU A 144 14.27 2.10 -9.96
CA LEU A 144 13.36 2.04 -11.10
C LEU A 144 13.32 3.38 -11.87
N ILE A 145 13.06 3.23 -13.17
CA ILE A 145 12.81 4.33 -14.05
C ILE A 145 11.48 4.11 -14.72
N PHE A 146 10.72 5.17 -14.87
CA PHE A 146 9.33 5.10 -15.36
C PHE A 146 9.14 5.97 -16.62
N MET A 147 8.42 5.40 -17.61
CA MET A 147 7.94 6.21 -18.74
C MET A 147 6.43 6.21 -18.91
N ASN A 148 5.91 7.30 -19.48
CA ASN A 148 4.52 7.37 -19.97
C ASN A 148 4.46 6.82 -21.42
N HIS A 149 3.27 6.94 -22.04
CA HIS A 149 2.94 6.27 -23.31
C HIS A 149 3.96 6.74 -24.37
N SER A 150 4.39 7.99 -24.27
CA SER A 150 5.21 8.53 -25.33
C SER A 150 6.72 8.44 -25.03
N GLY A 151 7.09 7.80 -23.90
CA GLY A 151 8.52 7.50 -23.67
C GLY A 151 9.02 8.61 -22.77
N LYS A 152 8.16 9.52 -22.41
CA LYS A 152 8.66 10.57 -21.50
C LYS A 152 8.98 10.04 -20.08
N ASN A 153 10.04 10.55 -19.46
CA ASN A 153 10.45 10.12 -18.14
C ASN A 153 9.59 10.68 -17.03
N LEU A 154 9.07 9.84 -16.12
CA LEU A 154 8.35 10.31 -14.91
C LEU A 154 9.24 9.98 -13.76
N THR A 155 9.66 11.02 -13.01
CA THR A 155 10.50 10.76 -11.88
C THR A 155 9.54 10.37 -10.76
N PRO A 156 10.06 9.88 -9.61
CA PRO A 156 9.20 9.47 -8.48
C PRO A 156 8.19 10.58 -8.12
N THR A 157 8.66 11.82 -8.05
CA THR A 157 7.88 13.03 -7.92
C THR A 157 6.71 13.27 -8.95
N ASP A 158 6.83 12.80 -10.20
CA ASP A 158 5.73 12.85 -11.17
C ASP A 158 4.73 11.72 -11.08
N LEU A 159 5.02 10.69 -10.32
CA LEU A 159 4.02 9.62 -10.10
C LEU A 159 2.76 10.14 -9.34
N PRO A 160 1.54 9.68 -9.70
CA PRO A 160 0.36 10.07 -8.91
C PRO A 160 0.72 9.63 -7.46
N LYS A 161 0.25 10.40 -6.47
CA LYS A 161 0.51 10.14 -5.05
C LYS A 161 0.31 8.68 -4.62
N ALA A 162 -0.78 8.10 -5.04
CA ALA A 162 -1.12 6.68 -4.72
C ALA A 162 -0.04 5.70 -5.16
N GLN A 163 0.58 5.94 -6.32
CA GLN A 163 1.75 5.12 -6.76
C GLN A 163 3.11 5.50 -6.14
N ARG A 164 3.31 6.74 -5.85
CA ARG A 164 4.55 7.20 -5.25
C ARG A 164 4.78 6.80 -3.74
N ASP A 165 3.72 6.71 -2.94
CA ASP A 165 3.92 6.55 -1.48
C ASP A 165 4.30 5.13 -1.13
N THR A 166 3.61 4.25 -1.78
CA THR A 166 3.91 2.83 -1.86
C THR A 166 5.45 2.61 -2.07
N LEU A 167 5.91 3.09 -3.24
CA LEU A 167 7.27 2.90 -3.73
C LEU A 167 8.28 3.53 -2.78
N LEU A 168 8.01 4.74 -2.36
CA LEU A 168 9.04 5.51 -1.60
C LEU A 168 9.16 5.02 -0.17
N GLU A 169 8.12 4.37 0.33
CA GLU A 169 8.25 3.80 1.65
C GLU A 169 9.11 2.58 1.65
N ILE A 170 9.02 1.80 0.59
CA ILE A 170 9.85 0.62 0.43
C ILE A 170 11.30 1.06 0.23
N CYS A 171 11.56 2.12 -0.56
CA CYS A 171 12.93 2.54 -0.78
C CYS A 171 13.49 3.24 0.51
N ASP A 172 12.64 3.93 1.27
CA ASP A 172 13.03 4.56 2.57
C ASP A 172 13.62 3.48 3.48
N GLU A 173 12.96 2.31 3.48
CA GLU A 173 13.45 1.22 4.33
C GLU A 173 14.77 0.59 3.83
N ALA A 174 14.91 0.44 2.52
CA ALA A 174 16.16 -0.04 1.98
C ALA A 174 17.22 0.99 2.21
N LEU A 175 16.87 2.27 2.20
CA LEU A 175 17.89 3.30 2.44
C LEU A 175 18.49 3.18 3.90
N CYS A 176 17.57 3.07 4.93
CA CYS A 176 17.97 2.76 6.31
C CYS A 176 18.91 1.59 6.33
N GLN A 177 18.59 0.50 5.67
CA GLN A 177 19.47 -0.68 5.72
C GLN A 177 20.83 -0.35 5.05
N ALA A 178 20.79 0.40 3.93
CA ALA A 178 22.06 0.72 3.22
C ALA A 178 22.99 1.54 4.11
N VAL A 179 22.41 2.54 4.80
CA VAL A 179 23.20 3.46 5.62
C VAL A 179 23.75 2.63 6.80
N ARG A 180 22.96 1.70 7.32
CA ARG A 180 23.52 0.95 8.45
C ARG A 180 24.62 0.02 8.00
N VAL A 181 24.47 -0.75 6.90
CA VAL A 181 25.61 -1.56 6.43
C VAL A 181 26.91 -0.88 6.03
N LEU A 182 26.86 0.29 5.43
CA LEU A 182 28.03 1.06 4.99
C LEU A 182 28.67 1.82 6.14
N GLY A 183 27.96 1.94 7.28
CA GLY A 183 28.46 2.72 8.41
C GLY A 183 28.45 4.20 8.08
N VAL A 184 27.55 4.68 7.23
CA VAL A 184 27.72 6.05 6.80
C VAL A 184 27.48 7.10 7.94
N LYS A 185 28.25 8.18 7.97
CA LYS A 185 28.03 9.20 9.01
C LYS A 185 27.37 10.41 8.37
N LEU A 186 27.58 10.53 7.03
CA LEU A 186 27.05 11.67 6.32
C LEU A 186 26.38 11.26 4.98
N VAL A 187 25.07 11.52 4.89
CA VAL A 187 24.33 11.42 3.65
C VAL A 187 24.19 12.80 2.94
N ILE A 188 24.70 12.91 1.70
CA ILE A 188 24.47 14.08 0.90
C ILE A 188 23.41 13.73 -0.19
N GLY A 189 22.21 14.28 -0.01
CA GLY A 189 21.15 14.20 -0.96
C GLY A 189 21.55 15.04 -2.15
N VAL A 190 21.59 14.41 -3.36
CA VAL A 190 21.76 15.13 -4.61
C VAL A 190 20.39 15.58 -5.10
N GLY A 191 20.12 16.88 -4.94
CA GLY A 191 18.80 17.54 -5.09
C GLY A 191 17.98 17.49 -3.78
N ARG A 192 16.99 18.35 -3.69
CA ARG A 192 16.15 18.54 -2.52
C ARG A 192 15.32 17.36 -2.28
N PHE A 193 14.86 16.71 -3.35
CA PHE A 193 14.00 15.57 -3.09
C PHE A 193 14.74 14.49 -2.36
N SER A 194 15.95 14.05 -2.81
CA SER A 194 16.69 13.00 -2.04
C SER A 194 17.05 13.50 -0.63
N GLU A 195 17.47 14.76 -0.54
CA GLU A 195 17.92 15.30 0.76
C GLU A 195 16.76 15.17 1.79
N GLN A 196 15.61 15.63 1.36
CA GLN A 196 14.42 15.69 2.25
C GLN A 196 13.91 14.27 2.55
N ARG A 197 13.84 13.45 1.50
CA ARG A 197 13.42 12.11 1.68
C ARG A 197 14.39 11.37 2.60
N ALA A 198 15.69 11.49 2.37
CA ALA A 198 16.62 10.75 3.23
C ALA A 198 16.53 11.24 4.69
N ARG A 199 16.45 12.53 4.89
CA ARG A 199 16.36 13.08 6.26
C ARG A 199 15.12 12.57 7.04
N LYS A 200 13.93 12.66 6.46
CA LYS A 200 12.76 12.09 7.13
C LYS A 200 13.01 10.59 7.35
N ALA A 201 13.47 9.87 6.33
CA ALA A 201 13.53 8.45 6.55
C ALA A 201 14.57 8.13 7.65
N LEU A 202 15.70 8.80 7.62
CA LEU A 202 16.71 8.30 8.55
C LEU A 202 16.35 8.75 9.99
N MET A 203 15.86 9.99 10.11
CA MET A 203 15.48 10.48 11.44
C MET A 203 14.38 9.59 12.11
N ALA A 204 13.46 9.06 11.32
CA ALA A 204 12.39 8.19 11.80
C ALA A 204 12.93 6.86 12.43
N GLU A 205 14.08 6.38 11.96
CA GLU A 205 14.61 5.16 12.50
C GLU A 205 15.65 5.52 13.56
N GLY A 206 15.82 6.81 13.78
CA GLY A 206 16.84 7.26 14.70
C GLY A 206 18.24 6.66 14.44
N ILE A 207 18.61 6.52 13.15
CA ILE A 207 19.98 6.12 12.83
C ILE A 207 20.92 7.28 13.09
N ASP A 208 22.13 6.95 13.49
CA ASP A 208 23.00 8.04 13.87
C ASP A 208 23.81 8.72 12.70
N VAL A 209 23.25 9.71 12.01
CA VAL A 209 23.77 10.06 10.69
C VAL A 209 23.28 11.49 10.42
N THR A 210 24.08 12.26 9.71
CA THR A 210 23.72 13.63 9.40
C THR A 210 23.32 13.63 7.89
N VAL A 211 22.26 14.38 7.57
CA VAL A 211 21.75 14.49 6.24
C VAL A 211 21.89 15.91 5.80
N LYS A 212 22.68 16.15 4.74
CA LYS A 212 22.83 17.44 4.07
C LYS A 212 22.51 17.32 2.57
N GLY A 213 22.78 18.36 1.75
CA GLY A 213 22.27 18.36 0.41
C GLY A 213 23.25 19.07 -0.48
N ILE A 214 23.31 18.76 -1.81
CA ILE A 214 23.92 19.62 -2.85
C ILE A 214 22.91 19.81 -3.95
N MET A 215 23.15 20.77 -4.78
CA MET A 215 22.27 21.04 -5.89
C MET A 215 22.29 19.81 -6.88
N HIS A 216 21.12 19.51 -7.43
CA HIS A 216 21.04 18.60 -8.53
C HIS A 216 21.62 19.11 -9.86
N PRO A 217 22.42 18.28 -10.56
CA PRO A 217 23.05 18.65 -11.83
C PRO A 217 22.11 18.69 -13.02
N SER A 218 20.91 18.19 -12.85
CA SER A 218 20.04 18.02 -14.01
C SER A 218 19.91 19.29 -14.88
N PRO A 219 19.91 19.15 -16.21
CA PRO A 219 19.76 20.35 -17.04
C PRO A 219 18.30 20.91 -17.02
N ARG A 220 17.36 20.17 -16.44
CA ARG A 220 15.95 20.64 -16.23
C ARG A 220 15.94 21.66 -15.11
N ASN A 221 17.03 21.70 -14.37
CA ASN A 221 17.23 22.65 -13.27
C ASN A 221 17.93 23.88 -13.75
N PRO A 222 17.24 24.95 -14.04
CA PRO A 222 17.86 26.15 -14.63
C PRO A 222 19.05 26.73 -13.87
N GLN A 223 19.08 26.57 -12.55
CA GLN A 223 20.23 27.11 -11.85
C GLN A 223 21.47 26.23 -12.08
N ALA A 224 21.27 24.95 -12.39
CA ALA A 224 22.35 23.97 -12.66
C ALA A 224 23.02 24.35 -13.97
N ASN A 225 22.30 25.04 -14.83
CA ASN A 225 22.93 25.48 -16.07
C ASN A 225 23.77 26.73 -16.16
N LYS A 226 23.99 27.55 -15.12
CA LYS A 226 25.31 28.21 -15.08
C LYS A 226 26.05 27.85 -13.88
N GLY A 227 27.26 27.38 -14.04
CA GLY A 227 28.15 27.11 -12.92
C GLY A 227 27.71 26.05 -11.94
N TRP A 228 27.07 24.96 -12.38
CA TRP A 228 26.72 23.90 -11.37
C TRP A 228 27.97 23.46 -10.56
N GLU A 229 29.02 23.23 -11.30
CA GLU A 229 30.26 22.69 -10.74
C GLU A 229 30.82 23.64 -9.63
N GLY A 230 30.90 24.96 -10.00
CA GLY A 230 31.33 26.02 -9.07
C GLY A 230 30.38 26.10 -7.90
N ILE A 231 29.07 26.16 -8.10
CA ILE A 231 28.17 26.16 -6.89
C ILE A 231 28.40 24.88 -6.03
N VAL A 232 28.62 23.72 -6.63
CA VAL A 232 28.65 22.53 -5.77
C VAL A 232 29.99 22.33 -5.13
N ARG A 233 31.03 22.82 -5.77
CA ARG A 233 32.38 22.88 -5.11
C ARG A 233 32.32 23.80 -3.84
N GLY A 234 31.57 24.88 -3.92
CA GLY A 234 31.31 25.70 -2.76
C GLY A 234 30.42 25.05 -1.73
N GLN A 235 29.30 24.43 -2.10
CA GLN A 235 28.60 23.54 -1.11
C GLN A 235 29.41 22.42 -0.50
N LEU A 236 30.20 21.68 -1.30
CA LEU A 236 31.05 20.63 -0.69
C LEU A 236 32.04 21.20 0.37
N LEU A 237 32.63 22.36 0.09
CA LEU A 237 33.56 23.08 1.03
C LEU A 237 32.79 23.35 2.32
N GLU A 238 31.56 23.88 2.23
CA GLU A 238 30.74 24.12 3.41
C GLU A 238 30.44 22.88 4.27
N LEU A 239 30.21 21.73 3.63
CA LEU A 239 29.94 20.51 4.37
C LEU A 239 31.22 19.96 4.84
N GLY A 240 32.31 20.52 4.33
CA GLY A 240 33.58 20.06 4.83
C GLY A 240 34.02 18.73 4.32
N VAL A 241 33.61 18.38 3.11
CA VAL A 241 33.94 17.08 2.58
C VAL A 241 35.15 17.13 1.59
N LEU A 242 35.49 18.29 1.01
CA LEU A 242 36.71 18.49 0.21
C LEU A 242 37.96 17.94 0.88
N SER A 243 38.10 18.27 2.16
CA SER A 243 38.96 17.60 3.08
C SER A 243 39.24 16.20 2.75
N LEU A 244 38.18 15.36 2.87
CA LEU A 244 38.13 13.90 2.69
C LEU A 244 38.29 13.43 1.24
N LEU A 245 38.18 14.39 0.32
CA LEU A 245 38.19 14.09 -1.11
C LEU A 245 39.54 14.34 -1.77
N THR A 246 40.54 14.63 -0.97
CA THR A 246 41.90 14.89 -1.43
C THR A 246 42.82 13.65 -1.12
N GLU B 2 -31.15 -28.54 10.19
CA GLU B 2 -29.71 -28.66 10.29
C GLU B 2 -29.04 -27.29 10.24
N SER B 3 -27.71 -27.32 9.84
CA SER B 3 -26.67 -26.34 10.11
C SER B 3 -26.43 -25.51 8.89
N PRO B 4 -26.71 -24.22 8.98
CA PRO B 4 -26.58 -23.38 7.81
C PRO B 4 -25.16 -22.97 7.37
N ALA B 5 -24.13 -23.21 8.17
CA ALA B 5 -22.79 -22.68 7.82
C ALA B 5 -22.45 -22.86 6.36
N ASP B 6 -22.49 -24.13 5.92
CA ASP B 6 -22.06 -24.45 4.56
C ASP B 6 -22.77 -23.68 3.46
N SER B 7 -24.08 -23.65 3.63
CA SER B 7 -25.03 -22.91 2.70
C SER B 7 -24.87 -21.37 2.70
N PHE B 8 -24.61 -20.83 3.92
CA PHE B 8 -24.32 -19.38 4.08
C PHE B 8 -23.12 -19.03 3.27
N LEU B 9 -22.04 -19.83 3.42
CA LEU B 9 -20.82 -19.66 2.60
C LEU B 9 -21.01 -19.74 1.10
N LYS B 10 -21.91 -20.62 0.67
CA LYS B 10 -22.10 -20.82 -0.77
C LYS B 10 -22.91 -19.67 -1.26
N VAL B 11 -23.88 -19.22 -0.48
CA VAL B 11 -24.44 -17.91 -0.83
C VAL B 11 -23.42 -16.85 -1.06
N GLU B 12 -22.42 -16.78 -0.17
CA GLU B 12 -21.54 -15.64 -0.26
C GLU B 12 -20.59 -15.89 -1.40
N LEU B 13 -20.17 -17.16 -1.50
CA LEU B 13 -19.39 -17.61 -2.70
C LEU B 13 -20.08 -17.36 -4.02
N GLU B 14 -21.39 -17.61 -4.09
CA GLU B 14 -22.09 -17.28 -5.34
C GLU B 14 -22.22 -15.76 -5.60
N LEU B 15 -22.54 -14.98 -4.53
CA LEU B 15 -22.48 -13.50 -4.63
C LEU B 15 -21.09 -13.02 -5.08
N ASN B 16 -20.05 -13.64 -4.52
CA ASN B 16 -18.69 -13.27 -4.97
C ASN B 16 -18.61 -13.41 -6.49
N LEU B 17 -19.07 -14.57 -7.00
CA LEU B 17 -19.10 -14.77 -8.47
C LEU B 17 -19.77 -13.62 -9.26
N LYS B 18 -21.05 -13.39 -8.99
CA LYS B 18 -21.79 -12.31 -9.69
C LYS B 18 -21.12 -10.97 -9.59
N LEU B 19 -20.59 -10.62 -8.41
CA LEU B 19 -19.81 -9.38 -8.26
C LEU B 19 -18.53 -9.29 -9.07
N SER B 20 -17.75 -10.37 -9.13
CA SER B 20 -16.43 -10.39 -9.86
C SER B 20 -16.55 -9.88 -11.30
N ASN B 21 -17.75 -9.96 -11.85
CA ASN B 21 -18.09 -9.41 -13.16
C ASN B 21 -18.41 -7.93 -13.34
N LEU B 22 -18.35 -7.08 -12.30
CA LEU B 22 -18.79 -5.68 -12.48
C LEU B 22 -17.62 -4.77 -12.74
N VAL B 23 -17.77 -3.81 -13.63
CA VAL B 23 -16.68 -2.89 -13.74
C VAL B 23 -17.14 -1.67 -13.02
N PHE B 24 -16.25 -1.07 -12.21
CA PHE B 24 -16.56 0.18 -11.50
C PHE B 24 -15.83 1.40 -12.07
N GLN B 25 -16.32 2.61 -11.78
CA GLN B 25 -15.81 3.74 -12.56
C GLN B 25 -15.64 4.99 -11.74
N ASP B 26 -14.80 5.89 -12.24
CA ASP B 26 -15.15 7.33 -12.33
C ASP B 26 -14.75 8.18 -11.20
N PRO B 27 -15.44 8.01 -10.05
CA PRO B 27 -14.84 8.26 -8.72
C PRO B 27 -14.23 6.99 -8.08
N VAL B 28 -14.79 5.80 -8.31
CA VAL B 28 -14.22 4.56 -7.77
C VAL B 28 -12.91 4.14 -8.42
N GLN B 29 -11.80 4.15 -7.66
CA GLN B 29 -10.47 3.73 -8.10
C GLN B 29 -9.99 2.41 -7.50
N TYR B 30 -10.60 1.92 -6.40
CA TYR B 30 -10.08 0.72 -5.76
C TYR B 30 -11.26 0.02 -5.27
N VAL B 31 -11.16 -1.31 -5.28
CA VAL B 31 -12.27 -2.04 -4.76
C VAL B 31 -11.63 -3.19 -4.08
N TYR B 32 -12.05 -3.42 -2.83
CA TYR B 32 -11.61 -4.63 -2.09
C TYR B 32 -12.75 -5.54 -1.79
N ASN B 33 -12.44 -6.82 -1.63
CA ASN B 33 -13.37 -7.77 -1.23
C ASN B 33 -12.67 -8.70 -0.27
N PRO B 34 -12.81 -8.44 1.03
CA PRO B 34 -12.23 -9.28 2.09
C PRO B 34 -12.72 -10.73 2.14
N LEU B 35 -13.84 -10.97 1.50
CA LEU B 35 -14.26 -12.37 1.26
C LEU B 35 -13.31 -13.15 0.35
N VAL B 36 -12.50 -12.51 -0.48
CA VAL B 36 -11.42 -13.22 -1.20
C VAL B 36 -10.16 -13.28 -0.31
N TYR B 37 -9.52 -12.12 -0.01
CA TYR B 37 -8.26 -12.22 0.72
C TYR B 37 -8.36 -12.44 2.23
N ALA B 38 -9.56 -12.39 2.82
CA ALA B 38 -9.68 -12.69 4.24
C ALA B 38 -10.66 -13.79 4.43
N TRP B 39 -10.71 -14.62 3.39
CA TRP B 39 -11.60 -15.80 3.39
C TRP B 39 -11.41 -16.70 4.57
N ALA B 40 -10.17 -16.97 5.00
CA ALA B 40 -9.98 -17.94 6.08
C ALA B 40 -10.57 -17.58 7.42
N PRO B 41 -10.23 -16.38 8.01
CA PRO B 41 -10.96 -15.97 9.25
C PRO B 41 -12.47 -15.82 9.04
N HIS B 42 -12.83 -15.43 7.84
CA HIS B 42 -14.28 -15.34 7.52
C HIS B 42 -14.95 -16.71 7.61
N GLU B 43 -14.35 -17.64 6.87
CA GLU B 43 -14.90 -18.96 6.91
C GLU B 43 -14.78 -19.53 8.32
N ASN B 44 -13.72 -19.17 9.07
CA ASN B 44 -13.65 -19.64 10.49
C ASN B 44 -14.78 -19.05 11.32
N TYR B 45 -15.14 -17.79 11.09
CA TYR B 45 -16.25 -17.20 11.88
C TYR B 45 -17.64 -17.83 11.58
N VAL B 46 -17.91 -18.04 10.29
CA VAL B 46 -19.21 -18.70 9.93
C VAL B 46 -19.41 -20.15 10.45
N GLN B 47 -18.39 -20.99 10.30
CA GLN B 47 -18.29 -22.36 10.86
C GLN B 47 -18.36 -22.41 12.35
N THR B 48 -17.68 -21.47 13.03
CA THR B 48 -17.72 -21.48 14.50
C THR B 48 -19.06 -20.98 14.93
N TYR B 49 -19.63 -19.95 14.28
CA TYR B 49 -20.82 -19.33 14.90
C TYR B 49 -22.15 -19.43 14.13
N CYS B 50 -22.17 -20.19 13.05
CA CYS B 50 -23.43 -20.39 12.31
C CYS B 50 -23.75 -21.92 12.16
N LYS B 51 -23.70 -22.62 13.29
CA LYS B 51 -23.80 -24.07 13.35
C LYS B 51 -25.29 -24.50 13.38
N SER B 52 -26.19 -23.56 13.68
CA SER B 52 -27.56 -23.86 13.92
C SER B 52 -28.41 -22.73 13.40
N LYS B 53 -29.73 -22.95 13.28
CA LYS B 53 -30.66 -21.97 12.66
C LYS B 53 -30.87 -20.77 13.61
N LYS B 54 -31.17 -19.58 13.06
CA LYS B 54 -31.14 -18.30 13.82
C LYS B 54 -32.49 -17.64 13.93
N GLU B 55 -32.78 -17.01 15.08
CA GLU B 55 -33.93 -16.08 15.17
C GLU B 55 -33.68 -14.71 14.54
N VAL B 56 -32.50 -14.09 14.81
CA VAL B 56 -32.24 -12.68 14.39
C VAL B 56 -30.96 -12.53 13.53
N LEU B 57 -31.02 -11.79 12.47
CA LEU B 57 -29.89 -11.40 11.67
C LEU B 57 -29.71 -9.85 11.91
N PHE B 58 -28.54 -9.41 12.42
CA PHE B 58 -28.06 -8.02 12.33
C PHE B 58 -27.36 -7.78 11.00
N LEU B 59 -27.73 -6.69 10.36
CA LEU B 59 -27.26 -6.41 9.05
C LEU B 59 -26.64 -5.00 8.91
N GLY B 60 -25.38 -4.96 8.50
CA GLY B 60 -24.69 -3.74 8.13
C GLY B 60 -24.61 -3.57 6.66
N MET B 61 -24.16 -2.40 6.27
CA MET B 61 -24.11 -2.00 4.90
C MET B 61 -23.00 -2.72 4.13
N ASN B 62 -21.74 -2.46 4.51
CA ASN B 62 -20.55 -3.02 3.85
C ASN B 62 -19.30 -2.98 4.86
N PRO B 63 -18.21 -3.68 4.60
CA PRO B 63 -17.03 -3.62 5.52
C PRO B 63 -16.52 -2.18 5.74
N GLY B 64 -16.04 -1.85 6.96
CA GLY B 64 -15.27 -0.59 7.04
C GLY B 64 -13.79 -0.88 6.81
N PRO B 65 -13.02 0.14 6.45
CA PRO B 65 -11.59 -0.03 6.12
C PRO B 65 -10.70 -0.66 7.24
N PHE B 66 -11.06 -0.52 8.49
CA PHE B 66 -10.27 -1.06 9.61
C PHE B 66 -10.91 -2.18 10.43
N GLY B 67 -12.11 -2.63 10.01
CA GLY B 67 -12.73 -3.70 10.74
C GLY B 67 -12.75 -4.85 9.79
N MET B 68 -13.86 -5.00 9.12
CA MET B 68 -13.98 -6.19 8.31
C MET B 68 -13.03 -6.22 7.14
N ALA B 69 -12.62 -5.08 6.58
CA ALA B 69 -11.62 -5.12 5.56
C ALA B 69 -10.30 -5.73 6.06
N GLN B 70 -10.08 -5.91 7.38
CA GLN B 70 -8.80 -6.45 7.84
C GLN B 70 -9.02 -7.84 8.32
N THR B 71 -10.20 -8.13 8.93
CA THR B 71 -10.34 -9.37 9.57
C THR B 71 -11.35 -10.28 8.89
N GLY B 72 -12.04 -9.85 7.84
CA GLY B 72 -13.01 -10.75 7.23
C GLY B 72 -14.22 -11.09 8.06
N VAL B 73 -14.42 -10.48 9.23
CA VAL B 73 -15.59 -10.73 10.11
C VAL B 73 -16.46 -9.42 10.13
N PRO B 74 -17.80 -9.51 10.03
CA PRO B 74 -18.65 -8.28 9.96
C PRO B 74 -18.40 -7.45 11.25
N PHE B 75 -18.39 -6.12 11.13
CA PHE B 75 -18.16 -5.18 12.29
C PHE B 75 -16.84 -5.55 13.01
N GLY B 76 -15.88 -5.97 12.21
CA GLY B 76 -14.81 -6.85 12.64
C GLY B 76 -13.57 -6.19 13.17
N GLU B 77 -13.74 -5.36 14.16
CA GLU B 77 -12.65 -4.66 14.78
C GLU B 77 -11.64 -5.64 15.35
N VAL B 78 -10.35 -5.41 15.13
CA VAL B 78 -9.41 -6.44 15.46
C VAL B 78 -9.45 -6.96 16.88
N ASN B 79 -9.50 -6.09 17.91
CA ASN B 79 -9.29 -6.62 19.27
C ASN B 79 -10.43 -7.56 19.71
N HIS B 80 -11.66 -7.16 19.40
CA HIS B 80 -12.80 -7.93 19.83
C HIS B 80 -12.88 -9.26 19.03
N VAL B 81 -12.68 -9.20 17.75
CA VAL B 81 -12.65 -10.43 16.95
C VAL B 81 -11.61 -11.42 17.51
N ARG B 82 -10.38 -10.90 17.76
CA ARG B 82 -9.28 -11.73 18.20
C ARG B 82 -9.52 -12.18 19.59
N ASP B 83 -9.92 -11.31 20.54
CA ASP B 83 -9.95 -11.75 21.93
C ASP B 83 -11.29 -12.22 22.41
N TRP B 84 -12.39 -11.77 21.80
CA TRP B 84 -13.71 -12.12 22.32
C TRP B 84 -14.31 -13.22 21.41
N LEU B 85 -14.38 -12.95 20.09
CA LEU B 85 -14.90 -14.00 19.17
C LEU B 85 -13.85 -15.10 19.03
N GLN B 86 -12.57 -14.75 19.20
CA GLN B 86 -11.43 -15.67 19.17
C GLN B 86 -11.32 -16.31 17.82
N ILE B 87 -11.20 -15.45 16.79
CA ILE B 87 -11.20 -15.86 15.44
C ILE B 87 -9.93 -15.31 14.84
N GLU B 88 -9.17 -16.20 14.25
CA GLU B 88 -7.80 -15.96 13.67
C GLU B 88 -7.78 -16.63 12.28
N GLY B 89 -6.93 -16.17 11.38
CA GLY B 89 -6.79 -16.88 10.13
C GLY B 89 -5.73 -16.07 9.46
N PRO B 90 -5.02 -16.61 8.42
CA PRO B 90 -4.22 -15.75 7.56
C PRO B 90 -5.06 -14.82 6.69
N VAL B 91 -4.47 -13.65 6.44
CA VAL B 91 -5.12 -12.67 5.63
C VAL B 91 -4.06 -12.29 4.66
N SER B 92 -4.39 -12.26 3.37
CA SER B 92 -3.47 -11.79 2.39
C SER B 92 -3.86 -10.36 1.96
N LYS B 93 -3.55 -9.91 0.77
CA LYS B 93 -3.76 -8.52 0.41
C LYS B 93 -4.67 -8.41 -0.85
N PRO B 94 -5.36 -7.29 -1.07
CA PRO B 94 -6.06 -7.10 -2.35
C PRO B 94 -5.01 -7.02 -3.48
N GLU B 95 -5.40 -7.39 -4.71
CA GLU B 95 -4.57 -7.16 -5.92
C GLU B 95 -3.96 -5.73 -5.94
N VAL B 96 -4.77 -4.70 -5.72
CA VAL B 96 -4.30 -3.34 -5.84
C VAL B 96 -4.68 -2.60 -4.59
N GLU B 97 -3.71 -2.12 -3.81
CA GLU B 97 -3.97 -1.43 -2.54
C GLU B 97 -3.64 0.01 -2.64
N HIS B 98 -4.55 0.86 -2.14
CA HIS B 98 -4.14 2.26 -1.93
C HIS B 98 -3.20 2.32 -0.68
N PRO B 99 -2.09 3.10 -0.76
CA PRO B 99 -1.11 3.19 0.35
C PRO B 99 -1.76 3.67 1.66
N LYS B 100 -2.88 4.37 1.62
CA LYS B 100 -3.51 4.76 2.93
C LYS B 100 -4.49 3.73 3.43
N ARG B 101 -4.69 2.68 2.64
CA ARG B 101 -5.65 1.65 2.99
C ARG B 101 -5.03 0.27 2.81
N ARG B 102 -3.87 0.08 3.42
CA ARG B 102 -3.21 -1.24 3.36
C ARG B 102 -3.94 -2.19 4.27
N ILE B 103 -4.01 -3.43 3.82
CA ILE B 103 -4.46 -4.51 4.60
C ILE B 103 -3.37 -5.12 5.42
N ARG B 104 -3.51 -5.10 6.73
CA ARG B 104 -2.53 -5.71 7.65
C ARG B 104 -3.16 -6.82 8.44
N GLY B 105 -4.42 -7.12 8.13
CA GLY B 105 -5.08 -8.23 8.78
C GLY B 105 -5.12 -7.99 10.27
N PHE B 106 -4.69 -8.99 11.03
CA PHE B 106 -4.72 -9.02 12.50
C PHE B 106 -3.56 -8.23 13.12
N GLU B 107 -2.68 -7.76 12.27
CA GLU B 107 -1.64 -6.83 12.69
C GLU B 107 -2.12 -5.37 12.49
N CYS B 108 -3.38 -5.18 12.07
CA CYS B 108 -3.84 -3.77 11.89
C CYS B 108 -3.82 -3.11 13.29
N PRO B 109 -3.08 -2.02 13.44
CA PRO B 109 -2.97 -1.33 14.75
C PRO B 109 -4.25 -0.49 15.13
N GLN B 110 -5.13 -0.19 14.14
CA GLN B 110 -6.30 0.69 14.37
C GLN B 110 -7.45 -0.07 14.97
N SER B 111 -8.25 0.62 15.77
CA SER B 111 -9.37 -0.11 16.34
C SER B 111 -10.56 0.63 15.69
N GLU B 112 -11.30 -0.12 14.85
CA GLU B 112 -12.43 0.46 14.17
C GLU B 112 -13.43 0.76 15.23
N VAL B 113 -13.84 2.02 15.31
CA VAL B 113 -14.79 2.47 16.35
C VAL B 113 -16.16 1.85 16.23
N SER B 114 -16.74 1.82 15.00
CA SER B 114 -18.01 1.18 14.80
C SER B 114 -17.99 -0.23 15.27
N GLY B 115 -17.06 -1.02 14.75
CA GLY B 115 -16.93 -2.43 15.16
C GLY B 115 -16.63 -2.61 16.62
N ALA B 116 -15.75 -1.78 17.21
CA ALA B 116 -15.45 -1.96 18.65
C ALA B 116 -16.76 -1.64 19.48
N ARG B 117 -17.49 -0.62 19.06
CA ARG B 117 -18.77 -0.37 19.75
C ARG B 117 -19.71 -1.56 19.69
N PHE B 118 -19.90 -2.07 18.45
CA PHE B 118 -20.84 -3.13 18.21
C PHE B 118 -20.51 -4.33 19.03
N TRP B 119 -19.28 -4.85 18.92
CA TRP B 119 -19.04 -6.04 19.72
C TRP B 119 -18.89 -5.81 21.20
N SER B 120 -18.49 -4.64 21.61
CA SER B 120 -18.40 -4.37 23.05
C SER B 120 -19.77 -4.37 23.67
N LEU B 121 -20.79 -3.94 22.93
CA LEU B 121 -22.20 -4.06 23.46
C LEU B 121 -22.57 -5.55 23.74
N PHE B 122 -22.40 -6.35 22.67
CA PHE B 122 -22.74 -7.76 22.75
C PHE B 122 -21.91 -8.54 23.76
N LYS B 123 -20.65 -8.14 23.88
CA LYS B 123 -19.79 -8.67 24.93
C LYS B 123 -20.30 -8.32 26.34
N SER B 124 -20.72 -7.11 26.54
CA SER B 124 -21.26 -6.77 27.84
C SER B 124 -22.59 -7.45 28.17
N LEU B 125 -23.46 -7.48 27.19
CA LEU B 125 -24.79 -8.01 27.28
C LEU B 125 -24.77 -9.55 27.44
N CYS B 126 -23.91 -10.25 26.69
CA CYS B 126 -24.00 -11.73 26.57
C CYS B 126 -22.96 -12.51 27.36
N GLY B 127 -21.85 -11.88 27.71
CA GLY B 127 -20.78 -12.54 28.37
C GLY B 127 -19.89 -13.21 27.35
N GLN B 128 -20.35 -14.31 26.77
CA GLN B 128 -19.47 -15.19 25.98
C GLN B 128 -20.09 -15.12 24.63
N PRO B 129 -19.31 -15.30 23.60
CA PRO B 129 -19.86 -15.28 22.22
C PRO B 129 -20.99 -16.33 21.91
N GLU B 130 -20.87 -17.55 22.43
CA GLU B 130 -21.94 -18.60 22.30
C GLU B 130 -23.29 -18.13 22.72
N THR B 131 -23.39 -17.38 23.81
CA THR B 131 -24.68 -16.79 24.15
C THR B 131 -25.25 -15.85 23.09
N PHE B 132 -24.41 -15.07 22.40
CA PHE B 132 -24.98 -14.08 21.48
C PHE B 132 -25.39 -14.85 20.20
N PHE B 133 -24.57 -15.84 19.83
CA PHE B 133 -24.81 -16.53 18.56
C PHE B 133 -25.84 -17.72 18.65
N LYS B 134 -26.27 -18.09 19.88
CA LYS B 134 -27.31 -19.06 20.06
C LYS B 134 -28.48 -18.81 19.07
N HIS B 135 -29.01 -17.60 19.05
CA HIS B 135 -30.10 -17.22 18.12
C HIS B 135 -29.81 -16.09 17.10
N CYS B 136 -28.65 -15.44 17.20
CA CYS B 136 -28.35 -14.31 16.27
C CYS B 136 -27.15 -14.55 15.37
N PHE B 137 -26.99 -13.68 14.38
CA PHE B 137 -25.84 -13.76 13.53
C PHE B 137 -25.66 -12.36 12.97
N VAL B 138 -24.58 -12.12 12.19
CA VAL B 138 -24.32 -10.78 11.71
C VAL B 138 -23.74 -10.93 10.39
N HIS B 139 -24.06 -10.02 9.47
CA HIS B 139 -23.70 -10.17 8.05
C HIS B 139 -23.72 -8.75 7.44
N ASN B 140 -23.19 -8.53 6.24
CA ASN B 140 -23.42 -7.28 5.52
C ASN B 140 -24.19 -7.43 4.21
N HIS B 141 -24.86 -6.37 3.80
CA HIS B 141 -25.59 -6.37 2.59
C HIS B 141 -24.62 -6.53 1.40
N CYS B 142 -23.51 -5.78 1.43
CA CYS B 142 -22.51 -5.81 0.36
C CYS B 142 -21.12 -6.13 0.97
N PRO B 143 -20.38 -7.10 0.38
CA PRO B 143 -19.03 -7.45 0.87
C PRO B 143 -17.95 -6.56 0.32
N LEU B 144 -18.25 -5.67 -0.61
CA LEU B 144 -17.14 -4.90 -1.23
C LEU B 144 -16.88 -3.56 -0.51
N ILE B 145 -15.63 -3.13 -0.61
CA ILE B 145 -15.34 -1.85 -0.18
C ILE B 145 -14.78 -0.96 -1.30
N PHE B 146 -15.17 0.31 -1.34
CA PHE B 146 -14.81 1.20 -2.46
C PHE B 146 -13.99 2.36 -2.01
N MET B 147 -12.98 2.72 -2.78
CA MET B 147 -12.25 3.92 -2.46
C MET B 147 -12.08 4.76 -3.71
N ASN B 148 -12.03 6.08 -3.54
CA ASN B 148 -11.73 6.98 -4.61
C ASN B 148 -10.18 7.13 -4.75
N HIS B 149 -9.70 8.00 -5.64
CA HIS B 149 -8.29 8.10 -5.99
C HIS B 149 -7.35 8.41 -4.80
N SER B 150 -7.88 9.01 -3.72
CA SER B 150 -6.96 9.27 -2.59
C SER B 150 -7.14 8.34 -1.39
N GLY B 151 -7.94 7.27 -1.58
CA GLY B 151 -8.15 6.27 -0.54
C GLY B 151 -9.40 6.50 0.33
N LYS B 152 -10.18 7.50 -0.01
CA LYS B 152 -11.31 7.86 0.81
C LYS B 152 -12.38 6.85 0.53
N ASN B 153 -12.97 6.31 1.58
CA ASN B 153 -14.08 5.33 1.44
C ASN B 153 -15.30 5.91 0.72
N LEU B 154 -15.84 5.10 -0.19
CA LEU B 154 -17.11 5.39 -0.84
C LEU B 154 -18.14 4.36 -0.44
N THR B 155 -19.29 4.82 0.04
CA THR B 155 -20.28 3.85 0.42
C THR B 155 -20.88 3.42 -0.86
N PRO B 156 -21.60 2.30 -0.84
CA PRO B 156 -22.30 1.83 -2.04
C PRO B 156 -23.27 2.91 -2.57
N THR B 157 -23.92 3.63 -1.67
CA THR B 157 -24.73 4.74 -2.10
C THR B 157 -24.03 5.97 -2.65
N ASP B 158 -22.69 6.06 -2.53
CA ASP B 158 -21.92 7.22 -3.09
C ASP B 158 -21.58 6.94 -4.54
N LEU B 159 -22.02 5.78 -5.01
CA LEU B 159 -21.68 5.30 -6.34
C LEU B 159 -22.60 5.83 -7.47
N PRO B 160 -22.04 6.13 -8.65
CA PRO B 160 -22.89 6.61 -9.75
C PRO B 160 -24.01 5.58 -10.04
N LYS B 161 -25.25 6.05 -9.95
CA LYS B 161 -26.45 5.29 -10.34
C LYS B 161 -26.27 4.65 -11.70
N ALA B 162 -26.11 3.33 -11.72
CA ALA B 162 -25.84 2.55 -12.93
C ALA B 162 -25.14 1.38 -12.34
N GLN B 163 -23.92 1.66 -11.88
CA GLN B 163 -23.21 0.79 -10.94
C GLN B 163 -24.01 0.52 -9.63
N ARG B 164 -24.45 1.58 -8.93
CA ARG B 164 -25.16 1.45 -7.63
C ARG B 164 -26.37 0.50 -7.69
N ASP B 165 -27.24 0.71 -8.66
CA ASP B 165 -28.41 -0.14 -8.84
C ASP B 165 -28.20 -1.64 -9.16
N THR B 166 -27.29 -2.00 -10.08
CA THR B 166 -27.05 -3.47 -10.26
C THR B 166 -26.36 -4.10 -9.06
N LEU B 167 -25.34 -3.40 -8.54
CA LEU B 167 -24.73 -3.82 -7.26
C LEU B 167 -25.79 -4.08 -6.21
N LEU B 168 -26.61 -3.10 -5.87
CA LEU B 168 -27.56 -3.38 -4.80
C LEU B 168 -28.55 -4.49 -5.12
N GLU B 169 -28.98 -4.53 -6.39
CA GLU B 169 -29.97 -5.55 -6.85
C GLU B 169 -29.38 -6.94 -6.67
N ILE B 170 -28.15 -7.11 -7.12
CA ILE B 170 -27.42 -8.37 -6.87
C ILE B 170 -27.27 -8.69 -5.36
N CYS B 171 -26.90 -7.68 -4.56
CA CYS B 171 -26.82 -7.92 -3.10
C CYS B 171 -28.17 -8.24 -2.48
N ASP B 172 -29.20 -7.49 -2.89
CA ASP B 172 -30.59 -7.81 -2.45
C ASP B 172 -30.92 -9.31 -2.62
N GLU B 173 -30.50 -9.85 -3.78
CA GLU B 173 -30.88 -11.21 -4.11
C GLU B 173 -30.18 -12.16 -3.21
N ALA B 174 -28.87 -11.96 -3.03
CA ALA B 174 -28.12 -12.80 -2.05
C ALA B 174 -28.60 -12.55 -0.67
N LEU B 175 -29.00 -11.33 -0.36
CA LEU B 175 -29.54 -11.16 1.02
C LEU B 175 -30.82 -12.03 1.30
N CYS B 176 -31.80 -11.96 0.37
CA CYS B 176 -33.00 -12.90 0.45
C CYS B 176 -32.63 -14.37 0.64
N GLN B 177 -31.62 -14.87 -0.06
CA GLN B 177 -31.19 -16.27 0.25
C GLN B 177 -30.60 -16.47 1.61
N ALA B 178 -29.65 -15.59 1.98
CA ALA B 178 -29.04 -15.64 3.32
C ALA B 178 -30.14 -15.68 4.29
N VAL B 179 -31.17 -14.83 4.11
CA VAL B 179 -32.27 -14.86 5.09
C VAL B 179 -33.04 -16.18 5.12
N ARG B 180 -33.22 -16.76 3.91
CA ARG B 180 -33.82 -18.11 3.82
C ARG B 180 -32.92 -19.20 4.44
N VAL B 181 -31.65 -19.21 4.04
CA VAL B 181 -30.74 -20.22 4.54
C VAL B 181 -30.67 -20.20 6.05
N LEU B 182 -30.64 -18.97 6.64
CA LEU B 182 -30.50 -18.83 8.09
C LEU B 182 -31.71 -19.15 8.90
N GLY B 183 -32.87 -18.87 8.31
CA GLY B 183 -34.12 -19.20 8.97
C GLY B 183 -34.68 -18.10 9.83
N VAL B 184 -34.26 -16.89 9.53
CA VAL B 184 -34.51 -15.83 10.50
C VAL B 184 -35.98 -15.33 10.46
N LYS B 185 -36.49 -15.01 11.65
CA LYS B 185 -37.81 -14.38 11.84
C LYS B 185 -37.68 -12.85 11.77
N LEU B 186 -36.46 -12.34 11.93
CA LEU B 186 -36.26 -10.91 12.24
C LEU B 186 -34.87 -10.42 11.79
N VAL B 187 -34.87 -9.45 10.87
CA VAL B 187 -33.67 -8.75 10.40
C VAL B 187 -33.64 -7.32 11.06
N ILE B 188 -32.52 -6.97 11.72
CA ILE B 188 -32.30 -5.66 12.33
C ILE B 188 -31.23 -5.05 11.48
N GLY B 189 -31.59 -4.04 10.70
CA GLY B 189 -30.62 -3.25 9.97
C GLY B 189 -29.92 -2.32 10.99
N VAL B 190 -28.58 -2.30 10.95
CA VAL B 190 -27.70 -1.41 11.71
C VAL B 190 -27.54 -0.16 10.92
N GLY B 191 -28.23 0.92 11.33
CA GLY B 191 -28.27 2.11 10.48
C GLY B 191 -29.44 2.08 9.45
N ARG B 192 -29.85 3.25 9.01
CA ARG B 192 -31.07 3.41 8.19
C ARG B 192 -31.00 2.70 6.82
N PHE B 193 -29.86 2.81 6.15
CA PHE B 193 -29.72 2.32 4.84
C PHE B 193 -29.94 0.81 4.89
N SER B 194 -29.38 0.11 5.87
CA SER B 194 -29.47 -1.31 5.83
C SER B 194 -30.87 -1.78 6.18
N GLU B 195 -31.50 -1.06 7.11
CA GLU B 195 -32.86 -1.32 7.50
C GLU B 195 -33.80 -1.14 6.28
N GLN B 196 -33.75 0.00 5.62
CA GLN B 196 -34.58 0.31 4.49
C GLN B 196 -34.29 -0.72 3.39
N ARG B 197 -33.01 -1.01 3.15
CA ARG B 197 -32.65 -1.79 1.95
C ARG B 197 -33.14 -3.16 2.25
N ALA B 198 -33.11 -3.57 3.52
CA ALA B 198 -33.44 -4.94 3.73
C ALA B 198 -34.96 -5.06 3.59
N ARG B 199 -35.71 -4.06 4.08
CA ARG B 199 -37.16 -4.09 4.01
C ARG B 199 -37.62 -4.19 2.49
N LYS B 200 -36.99 -3.40 1.61
CA LYS B 200 -37.32 -3.34 0.22
C LYS B 200 -36.88 -4.61 -0.51
N ALA B 201 -35.83 -5.27 -0.02
CA ALA B 201 -35.39 -6.49 -0.66
C ALA B 201 -36.33 -7.66 -0.31
N LEU B 202 -36.75 -7.76 0.94
CA LEU B 202 -37.54 -8.91 1.36
C LEU B 202 -39.03 -8.80 1.04
N MET B 203 -39.54 -7.59 0.99
CA MET B 203 -40.94 -7.43 0.70
C MET B 203 -41.05 -7.77 -0.80
N ALA B 204 -40.13 -7.24 -1.63
CA ALA B 204 -40.11 -7.47 -3.08
C ALA B 204 -39.88 -8.92 -3.58
N GLU B 205 -39.68 -9.86 -2.68
CA GLU B 205 -39.62 -11.25 -3.10
C GLU B 205 -40.55 -11.95 -2.16
N GLY B 206 -41.41 -11.17 -1.54
CA GLY B 206 -42.48 -11.71 -0.72
C GLY B 206 -42.06 -12.55 0.43
N ILE B 207 -40.91 -12.27 1.05
CA ILE B 207 -40.48 -13.10 2.18
C ILE B 207 -41.18 -12.66 3.43
N ASP B 208 -41.69 -13.63 4.19
CA ASP B 208 -42.48 -13.28 5.36
C ASP B 208 -41.55 -13.09 6.56
N VAL B 209 -40.82 -11.97 6.56
CA VAL B 209 -39.87 -11.65 7.63
C VAL B 209 -39.99 -10.18 8.08
N THR B 210 -40.04 -9.95 9.39
CA THR B 210 -39.93 -8.58 9.99
C THR B 210 -38.51 -7.94 9.79
N VAL B 211 -38.50 -6.67 9.44
CA VAL B 211 -37.31 -5.87 9.34
C VAL B 211 -37.49 -4.70 10.31
N LYS B 212 -36.54 -4.61 11.26
CA LYS B 212 -36.44 -3.44 12.15
C LYS B 212 -35.10 -2.72 12.03
N GLY B 213 -34.71 -1.96 13.05
CA GLY B 213 -33.58 -1.07 12.91
C GLY B 213 -32.92 -0.83 14.26
N ILE B 214 -31.60 -0.65 14.28
CA ILE B 214 -30.92 -0.03 15.43
C ILE B 214 -30.04 1.11 14.89
N MET B 215 -29.75 2.04 15.74
CA MET B 215 -28.82 3.07 15.34
C MET B 215 -27.46 2.44 14.97
N HIS B 216 -26.90 2.94 13.87
CA HIS B 216 -25.55 2.65 13.55
C HIS B 216 -24.45 3.27 14.55
N PRO B 217 -23.38 2.51 14.93
CA PRO B 217 -22.40 3.04 15.93
C PRO B 217 -21.37 4.00 15.38
N SER B 218 -21.45 4.30 14.07
CA SER B 218 -20.45 5.16 13.39
C SER B 218 -20.13 6.49 14.23
N PRO B 219 -18.86 6.80 14.47
CA PRO B 219 -18.54 8.05 15.15
C PRO B 219 -18.82 9.27 14.20
N ARG B 220 -19.17 9.05 12.95
CA ARG B 220 -19.68 10.23 12.17
C ARG B 220 -21.02 10.75 12.61
N ASN B 221 -21.73 9.95 13.39
CA ASN B 221 -22.99 10.39 13.95
C ASN B 221 -22.92 10.87 15.46
N PRO B 222 -23.16 12.18 15.73
CA PRO B 222 -22.90 12.73 17.06
C PRO B 222 -23.66 12.09 18.17
N GLN B 223 -24.85 11.55 17.86
CA GLN B 223 -25.71 10.95 18.87
C GLN B 223 -25.10 9.64 19.27
N ALA B 224 -24.30 9.04 18.39
CA ALA B 224 -23.70 7.73 18.65
C ALA B 224 -22.49 8.01 19.57
N ASN B 225 -21.80 9.13 19.34
CA ASN B 225 -20.74 9.57 20.21
C ASN B 225 -21.19 10.02 21.63
N LYS B 226 -22.42 10.29 21.89
CA LYS B 226 -22.70 10.64 23.23
C LYS B 226 -23.19 9.41 24.04
N GLY B 227 -23.83 8.41 23.45
CA GLY B 227 -24.19 7.22 24.25
C GLY B 227 -24.92 6.17 23.42
N TRP B 228 -24.22 5.67 22.40
CA TRP B 228 -24.73 4.68 21.42
C TRP B 228 -25.20 3.45 22.20
N GLU B 229 -24.36 2.95 23.12
CA GLU B 229 -24.67 1.74 23.77
C GLU B 229 -26.04 1.85 24.52
N GLY B 230 -26.22 2.98 25.24
CA GLY B 230 -27.42 3.30 25.99
C GLY B 230 -28.57 3.38 25.01
N ILE B 231 -28.43 4.09 23.89
CA ILE B 231 -29.56 4.13 22.94
C ILE B 231 -29.93 2.72 22.39
N VAL B 232 -28.93 1.95 21.99
CA VAL B 232 -29.21 0.66 21.34
C VAL B 232 -29.77 -0.37 22.35
N ARG B 233 -29.30 -0.35 23.60
CA ARG B 233 -29.89 -1.22 24.64
C ARG B 233 -31.39 -1.01 24.76
N GLY B 234 -31.81 0.27 24.78
CA GLY B 234 -33.21 0.64 24.75
C GLY B 234 -33.94 0.21 23.49
N GLN B 235 -33.31 0.39 22.33
CA GLN B 235 -33.90 -0.06 21.06
C GLN B 235 -34.08 -1.59 21.06
N LEU B 236 -33.10 -2.33 21.60
CA LEU B 236 -33.17 -3.78 21.64
C LEU B 236 -34.22 -4.30 22.63
N LEU B 237 -34.30 -3.67 23.81
CA LEU B 237 -35.46 -3.84 24.71
C LEU B 237 -36.79 -3.74 23.93
N GLU B 238 -37.09 -2.59 23.35
CA GLU B 238 -38.31 -2.33 22.59
C GLU B 238 -38.65 -3.43 21.53
N LEU B 239 -37.62 -4.13 21.03
CA LEU B 239 -37.81 -5.10 19.94
C LEU B 239 -38.05 -6.50 20.51
N GLY B 240 -37.88 -6.65 21.82
CA GLY B 240 -38.08 -7.91 22.50
C GLY B 240 -36.95 -8.90 22.36
N VAL B 241 -35.77 -8.45 21.89
CA VAL B 241 -34.63 -9.35 21.61
C VAL B 241 -33.69 -9.54 22.81
N LEU B 242 -33.88 -8.79 23.88
CA LEU B 242 -33.01 -8.93 25.02
C LEU B 242 -33.18 -10.29 25.67
N SER B 243 -34.36 -10.87 25.55
CA SER B 243 -34.61 -12.20 26.11
C SER B 243 -33.77 -13.28 25.42
N LEU B 244 -33.69 -13.22 24.10
CA LEU B 244 -32.77 -14.05 23.35
C LEU B 244 -31.29 -13.94 23.72
N LEU B 245 -30.87 -12.83 24.32
CA LEU B 245 -29.45 -12.60 24.59
C LEU B 245 -29.39 -12.56 26.09
N THR B 246 -29.66 -13.73 26.70
CA THR B 246 -29.71 -13.91 28.15
C THR B 246 -29.68 -12.57 28.91
#